data_4DOO
#
_entry.id   4DOO
#
_cell.length_a   56.489
_cell.length_b   56.901
_cell.length_c   139.608
_cell.angle_alpha   90.000
_cell.angle_beta   90.000
_cell.angle_gamma   90.000
#
_symmetry.space_group_name_H-M   'P 21 21 21'
#
loop_
_entity.id
_entity.type
_entity.pdbx_description
1 polymer 'Chalcone-flavanone isomerase family protein'
2 non-polymer 'LAURIC ACID'
3 non-polymer 'POTASSIUM ION'
4 water water
#
_entity_poly.entity_id   1
_entity_poly.type   'polypeptide(L)'
_entity_poly.pdbx_seq_one_letter_code
;ADESVVEPKTGFSFPASIGDSRRLLGVGLRKKSLLGLKNIDVYAFGVYADCDDVKKLVGDKYANLPASEIRGNKSFMDDL
MEADIKMTIRLQIVYGKLNIRSVRNAFQESVGNRLKKFGGSDNDELLQSFTSLFKDEYKIPRNSTIDLTKDPGHVLSVAI
EGNHVGSVKSHLLCRSILDLYIGEEPFDKNAREDFLDNAASLAFD
;
_entity_poly.pdbx_strand_id   A,B
#
loop_
_chem_comp.id
_chem_comp.type
_chem_comp.name
_chem_comp.formula
DAO non-polymer 'LAURIC ACID' 'C12 H24 O2'
K non-polymer 'POTASSIUM ION' 'K 1'
#
# COMPACT_ATOMS: atom_id res chain seq x y z
N GLU A 3 -28.25 10.94 17.20
CA GLU A 3 -28.23 10.08 18.41
C GLU A 3 -26.88 9.38 18.59
N SER A 4 -26.39 9.39 19.82
CA SER A 4 -25.11 8.77 20.15
C SER A 4 -25.01 7.34 19.66
N VAL A 5 -23.78 6.90 19.42
CA VAL A 5 -23.51 5.56 18.96
C VAL A 5 -22.76 4.84 20.08
N VAL A 6 -23.27 3.68 20.48
CA VAL A 6 -22.65 2.91 21.55
C VAL A 6 -21.77 1.80 21.03
N GLU A 7 -20.56 1.69 21.57
CA GLU A 7 -19.68 0.60 21.18
C GLU A 7 -20.20 -0.53 22.05
N PRO A 8 -20.82 -1.55 21.43
CA PRO A 8 -21.39 -2.70 22.12
C PRO A 8 -20.56 -3.42 23.18
N LYS A 9 -19.37 -3.89 22.81
CA LYS A 9 -18.54 -4.64 23.75
C LYS A 9 -18.21 -3.91 25.05
N THR A 10 -17.94 -2.61 24.96
CA THR A 10 -17.59 -1.82 26.14
C THR A 10 -18.74 -1.01 26.72
N GLY A 11 -19.70 -0.67 25.86
CA GLY A 11 -20.83 0.12 26.32
C GLY A 11 -20.57 1.61 26.24
N PHE A 12 -19.37 2.00 25.84
CA PHE A 12 -19.03 3.42 25.74
C PHE A 12 -19.78 4.11 24.61
N SER A 13 -20.21 5.34 24.87
CA SER A 13 -20.98 6.11 23.90
C SER A 13 -20.19 7.23 23.22
N PHE A 14 -20.48 7.42 21.93
CA PHE A 14 -19.84 8.47 21.12
C PHE A 14 -20.93 9.28 20.42
N PRO A 15 -20.83 10.62 20.49
CA PRO A 15 -21.84 11.45 19.82
C PRO A 15 -21.79 11.25 18.31
N ALA A 16 -22.95 11.31 17.67
CA ALA A 16 -23.05 11.13 16.22
C ALA A 16 -22.28 12.22 15.47
N SER A 17 -22.03 13.34 16.14
CA SER A 17 -21.30 14.43 15.51
C SER A 17 -20.73 15.34 16.58
N ILE A 18 -19.76 16.14 16.18
CA ILE A 18 -19.11 17.09 17.09
C ILE A 18 -19.10 18.46 16.39
N GLY A 19 -19.86 19.40 16.95
CA GLY A 19 -19.91 20.73 16.37
C GLY A 19 -20.78 20.85 15.13
N ASP A 20 -21.65 19.87 14.93
CA ASP A 20 -22.56 19.84 13.78
C ASP A 20 -21.87 19.63 12.42
N SER A 21 -20.55 19.76 12.38
CA SER A 21 -19.83 19.61 11.13
C SER A 21 -18.95 18.36 11.05
N ARG A 22 -18.59 17.81 12.20
CA ARG A 22 -17.73 16.63 12.25
C ARG A 22 -18.56 15.38 12.53
N ARG A 23 -18.70 14.53 11.53
CA ARG A 23 -19.52 13.33 11.68
C ARG A 23 -18.77 12.05 12.07
N LEU A 24 -19.35 11.30 12.99
CA LEU A 24 -18.77 10.03 13.43
C LEU A 24 -18.97 9.05 12.28
N LEU A 25 -17.88 8.48 11.77
CA LEU A 25 -17.96 7.54 10.65
C LEU A 25 -17.60 6.11 11.03
N GLY A 26 -16.89 5.93 12.12
CA GLY A 26 -16.52 4.59 12.54
C GLY A 26 -16.17 4.51 14.00
N VAL A 27 -16.48 3.37 14.62
CA VAL A 27 -16.19 3.15 16.03
C VAL A 27 -15.51 1.80 16.18
N GLY A 28 -14.42 1.77 16.94
CA GLY A 28 -13.71 0.52 17.14
C GLY A 28 -13.04 0.38 18.50
N LEU A 29 -12.27 -0.70 18.65
CA LEU A 29 -11.56 -0.98 19.89
C LEU A 29 -10.08 -1.21 19.60
N ARG A 30 -9.24 -0.65 20.46
CA ARG A 30 -7.79 -0.81 20.36
C ARG A 30 -7.48 -1.84 21.42
N LYS A 31 -7.02 -3.01 21.00
CA LYS A 31 -6.70 -4.08 21.93
C LYS A 31 -5.21 -4.31 22.08
N LYS A 32 -4.86 -5.11 23.08
CA LYS A 32 -3.48 -5.48 23.35
C LYS A 32 -3.49 -7.00 23.42
N SER A 33 -2.75 -7.64 22.51
CA SER A 33 -2.69 -9.09 22.49
C SER A 33 -1.67 -9.57 23.52
N LEU A 34 -2.14 -10.38 24.46
CA LEU A 34 -1.25 -10.92 25.47
C LEU A 34 -0.90 -12.35 25.06
N LEU A 35 -0.27 -13.09 25.96
CA LEU A 35 0.13 -14.47 25.65
C LEU A 35 -1.07 -15.41 25.51
N GLY A 36 -1.00 -16.29 24.51
CA GLY A 36 -2.05 -17.26 24.29
C GLY A 36 -3.40 -16.65 23.95
N LEU A 37 -4.44 -17.16 24.60
CA LEU A 37 -5.81 -16.70 24.37
C LEU A 37 -6.15 -15.43 25.15
N LYS A 38 -5.16 -14.83 25.78
CA LYS A 38 -5.39 -13.61 26.55
C LYS A 38 -5.32 -12.35 25.71
N ASN A 39 -6.30 -11.47 25.93
CA ASN A 39 -6.38 -10.21 25.22
C ASN A 39 -7.00 -9.18 26.14
N ILE A 40 -6.67 -7.91 25.91
CA ILE A 40 -7.20 -6.83 26.72
C ILE A 40 -7.73 -5.71 25.84
N ASP A 41 -8.91 -5.19 26.18
CA ASP A 41 -9.48 -4.06 25.44
C ASP A 41 -8.89 -2.84 26.14
N VAL A 42 -8.06 -2.09 25.44
CA VAL A 42 -7.41 -0.92 26.04
C VAL A 42 -8.29 0.32 26.02
N TYR A 43 -8.83 0.65 24.85
CA TYR A 43 -9.71 1.80 24.73
C TYR A 43 -10.60 1.69 23.50
N ALA A 44 -11.73 2.41 23.54
CA ALA A 44 -12.65 2.44 22.42
C ALA A 44 -12.36 3.75 21.72
N PHE A 45 -12.54 3.80 20.41
CA PHE A 45 -12.28 5.03 19.69
C PHE A 45 -13.35 5.30 18.64
N GLY A 46 -13.52 6.58 18.32
CA GLY A 46 -14.50 6.98 17.32
C GLY A 46 -13.78 7.89 16.36
N VAL A 47 -13.96 7.65 15.05
CA VAL A 47 -13.30 8.47 14.04
C VAL A 47 -14.30 9.41 13.39
N TYR A 48 -14.03 10.71 13.48
CA TYR A 48 -14.88 11.76 12.92
C TYR A 48 -14.20 12.49 11.76
N ALA A 49 -14.99 12.91 10.78
CA ALA A 49 -14.46 13.65 9.64
C ALA A 49 -15.40 14.80 9.29
N ASP A 50 -14.84 15.95 8.93
CA ASP A 50 -15.63 17.12 8.56
C ASP A 50 -16.35 16.84 7.25
N CYS A 51 -17.68 16.99 7.27
CA CYS A 51 -18.51 16.74 6.10
C CYS A 51 -18.13 17.52 4.85
N ASP A 52 -17.98 18.83 5.01
CA ASP A 52 -17.63 19.67 3.85
C ASP A 52 -16.30 19.28 3.23
N ASP A 53 -15.31 19.00 4.07
CA ASP A 53 -13.98 18.61 3.59
C ASP A 53 -14.05 17.31 2.79
N VAL A 54 -14.83 16.35 3.27
CA VAL A 54 -14.97 15.09 2.57
C VAL A 54 -15.69 15.30 1.24
N LYS A 55 -16.75 16.10 1.27
CA LYS A 55 -17.51 16.38 0.06
C LYS A 55 -16.63 17.02 -1.01
N LYS A 56 -15.73 17.91 -0.60
CA LYS A 56 -14.86 18.58 -1.54
C LYS A 56 -13.85 17.60 -2.17
N LEU A 57 -13.29 16.72 -1.35
CA LEU A 57 -12.33 15.73 -1.84
C LEU A 57 -13.01 14.84 -2.88
N VAL A 58 -14.18 14.31 -2.55
CA VAL A 58 -14.92 13.44 -3.47
C VAL A 58 -15.29 14.21 -4.74
N GLY A 59 -15.78 15.43 -4.57
CA GLY A 59 -16.17 16.22 -5.72
C GLY A 59 -15.01 16.55 -6.64
N ASP A 60 -13.81 16.64 -6.09
CA ASP A 60 -12.63 16.97 -6.89
C ASP A 60 -11.93 15.76 -7.50
N LYS A 61 -11.79 14.69 -6.72
CA LYS A 61 -11.10 13.50 -7.23
C LYS A 61 -12.00 12.37 -7.73
N TYR A 62 -13.27 12.40 -7.33
CA TYR A 62 -14.21 11.36 -7.73
C TYR A 62 -15.51 11.94 -8.29
N ALA A 63 -15.39 12.98 -9.11
CA ALA A 63 -16.55 13.63 -9.68
C ALA A 63 -17.51 12.68 -10.40
N ASN A 64 -18.80 12.88 -10.16
CA ASN A 64 -19.86 12.09 -10.79
C ASN A 64 -19.83 10.59 -10.58
N LEU A 65 -19.11 10.13 -9.56
CA LEU A 65 -19.06 8.70 -9.32
C LEU A 65 -19.95 8.34 -8.15
N PRO A 66 -20.64 7.18 -8.22
CA PRO A 66 -21.51 6.75 -7.14
C PRO A 66 -20.67 6.24 -5.98
N ALA A 67 -21.26 6.21 -4.80
CA ALA A 67 -20.56 5.74 -3.59
C ALA A 67 -19.86 4.41 -3.78
N SER A 68 -20.54 3.44 -4.36
CA SER A 68 -19.96 2.12 -4.57
C SER A 68 -18.68 2.17 -5.39
N GLU A 69 -18.64 3.05 -6.39
CA GLU A 69 -17.45 3.16 -7.22
C GLU A 69 -16.34 3.92 -6.52
N ILE A 70 -16.72 4.86 -5.67
CA ILE A 70 -15.72 5.62 -4.91
C ILE A 70 -15.06 4.65 -3.95
N ARG A 71 -15.88 3.90 -3.22
CA ARG A 71 -15.40 2.93 -2.26
C ARG A 71 -14.61 1.82 -2.96
N GLY A 72 -15.03 1.47 -4.17
CA GLY A 72 -14.35 0.43 -4.92
C GLY A 72 -12.96 0.80 -5.38
N ASN A 73 -12.60 2.08 -5.30
CA ASN A 73 -11.27 2.54 -5.72
C ASN A 73 -10.24 2.28 -4.63
N LYS A 74 -9.21 1.51 -4.98
CA LYS A 74 -8.16 1.20 -4.01
C LYS A 74 -7.48 2.46 -3.50
N SER A 75 -7.51 3.51 -4.30
CA SER A 75 -6.88 4.78 -3.93
C SER A 75 -7.66 5.63 -2.93
N PHE A 76 -8.94 5.32 -2.74
CA PHE A 76 -9.80 6.12 -1.84
C PHE A 76 -9.23 6.33 -0.44
N MET A 77 -8.84 5.25 0.21
CA MET A 77 -8.30 5.35 1.57
C MET A 77 -7.12 6.33 1.66
N ASP A 78 -6.14 6.16 0.79
CA ASP A 78 -4.97 7.05 0.83
C ASP A 78 -5.33 8.48 0.44
N ASP A 79 -6.28 8.65 -0.47
CA ASP A 79 -6.68 10.00 -0.89
C ASP A 79 -7.30 10.74 0.29
N LEU A 80 -8.11 10.04 1.08
CA LEU A 80 -8.76 10.65 2.24
C LEU A 80 -7.73 11.07 3.29
N MET A 81 -6.82 10.17 3.62
CA MET A 81 -5.78 10.44 4.62
C MET A 81 -4.84 11.57 4.24
N GLU A 82 -4.53 11.71 2.97
CA GLU A 82 -3.61 12.74 2.52
C GLU A 82 -4.27 14.10 2.29
N ALA A 83 -5.58 14.10 2.10
CA ALA A 83 -6.31 15.33 1.85
C ALA A 83 -6.38 16.23 3.10
N ASP A 84 -6.60 17.51 2.89
CA ASP A 84 -6.70 18.43 4.00
C ASP A 84 -8.12 18.35 4.52
N ILE A 85 -8.38 17.28 5.29
CA ILE A 85 -9.68 17.04 5.85
C ILE A 85 -9.57 17.07 7.37
N LYS A 86 -10.36 17.92 8.01
CA LYS A 86 -10.36 18.03 9.46
C LYS A 86 -10.97 16.76 10.02
N MET A 87 -10.30 16.17 10.99
CA MET A 87 -10.77 14.94 11.60
C MET A 87 -10.52 14.92 13.09
N THR A 88 -11.25 14.05 13.78
CA THR A 88 -11.08 13.90 15.22
C THR A 88 -11.10 12.42 15.54
N ILE A 89 -10.19 12.00 16.42
CA ILE A 89 -10.12 10.63 16.88
C ILE A 89 -10.38 10.76 18.37
N ARG A 90 -11.54 10.30 18.84
CA ARG A 90 -11.84 10.37 20.26
C ARG A 90 -11.59 9.02 20.91
N LEU A 91 -10.72 9.01 21.92
CA LEU A 91 -10.39 7.80 22.65
C LEU A 91 -11.05 7.84 24.01
N GLN A 92 -11.56 6.70 24.45
CA GLN A 92 -12.17 6.58 25.77
C GLN A 92 -11.54 5.34 26.40
N ILE A 93 -10.76 5.56 27.46
CA ILE A 93 -10.05 4.48 28.14
C ILE A 93 -10.96 3.43 28.75
N VAL A 94 -10.73 2.18 28.36
CA VAL A 94 -11.50 1.04 28.85
C VAL A 94 -10.79 0.28 29.98
N TYR A 95 -9.55 -0.11 29.75
CA TYR A 95 -8.76 -0.85 30.74
C TYR A 95 -8.51 0.04 31.96
N GLY A 96 -8.81 -0.48 33.15
CA GLY A 96 -8.64 0.31 34.36
C GLY A 96 -7.31 0.27 35.10
N LYS A 97 -6.35 -0.51 34.61
CA LYS A 97 -5.07 -0.62 35.29
C LYS A 97 -3.86 -0.22 34.45
N LEU A 98 -4.01 0.83 33.66
CA LEU A 98 -2.92 1.33 32.82
C LEU A 98 -1.97 2.18 33.66
N ASN A 99 -0.68 2.12 33.35
CA ASN A 99 0.29 2.94 34.08
C ASN A 99 0.97 3.81 33.04
N ILE A 100 1.15 5.08 33.39
CA ILE A 100 1.74 6.08 32.50
C ILE A 100 2.99 5.63 31.74
N ARG A 101 3.90 4.93 32.42
CA ARG A 101 5.13 4.46 31.79
C ARG A 101 4.85 3.47 30.67
N SER A 102 3.98 2.50 30.96
CA SER A 102 3.63 1.48 29.98
C SER A 102 2.98 2.14 28.77
N VAL A 103 2.06 3.05 29.02
CA VAL A 103 1.36 3.74 27.95
C VAL A 103 2.32 4.52 27.05
N ARG A 104 3.22 5.29 27.65
CA ARG A 104 4.19 6.07 26.88
C ARG A 104 5.01 5.18 25.96
N ASN A 105 5.47 4.06 26.48
CA ASN A 105 6.25 3.13 25.68
C ASN A 105 5.41 2.57 24.54
N ALA A 106 4.13 2.34 24.81
CA ALA A 106 3.22 1.79 23.80
C ALA A 106 2.95 2.74 22.63
N PHE A 107 2.66 4.01 22.90
CA PHE A 107 2.39 4.91 21.79
C PHE A 107 3.68 5.36 21.11
N GLN A 108 4.80 5.27 21.81
CA GLN A 108 6.07 5.65 21.19
C GLN A 108 6.40 4.59 20.15
N GLU A 109 6.03 3.35 20.44
CA GLU A 109 6.26 2.24 19.52
C GLU A 109 5.31 2.31 18.31
N SER A 110 4.02 2.41 18.58
CA SER A 110 3.02 2.45 17.51
C SER A 110 3.20 3.67 16.61
N VAL A 111 3.26 4.85 17.22
CA VAL A 111 3.45 6.07 16.45
C VAL A 111 4.84 6.05 15.80
N GLY A 112 5.82 5.57 16.56
CA GLY A 112 7.17 5.49 16.04
C GLY A 112 7.26 4.62 14.81
N ASN A 113 6.64 3.45 14.86
CA ASN A 113 6.62 2.51 13.74
C ASN A 113 6.10 3.19 12.49
N ARG A 114 5.07 4.01 12.64
CA ARG A 114 4.48 4.71 11.52
C ARG A 114 5.34 5.88 11.01
N LEU A 115 5.97 6.60 11.92
CA LEU A 115 6.82 7.72 11.54
C LEU A 115 7.99 7.27 10.66
N LYS A 116 8.60 6.13 10.99
CA LYS A 116 9.72 5.65 10.19
C LYS A 116 9.21 5.04 8.89
N LYS A 117 7.94 4.63 8.90
CA LYS A 117 7.32 4.03 7.73
C LYS A 117 7.06 5.09 6.66
N PHE A 118 6.71 6.30 7.11
CA PHE A 118 6.38 7.38 6.19
C PHE A 118 7.39 8.53 6.12
N GLY A 119 8.24 8.69 7.12
CA GLY A 119 9.17 9.80 7.09
C GLY A 119 10.65 9.49 7.16
N GLY A 120 11.45 10.55 7.20
CA GLY A 120 12.89 10.42 7.26
C GLY A 120 13.34 9.47 8.35
N SER A 121 14.47 8.81 8.13
CA SER A 121 14.99 7.86 9.10
C SER A 121 15.57 8.55 10.34
N ASP A 122 14.86 9.57 10.81
CA ASP A 122 15.29 10.34 11.99
C ASP A 122 14.19 11.31 12.43
N ASN A 123 13.14 10.75 13.01
CA ASN A 123 12.01 11.55 13.49
C ASN A 123 11.96 11.52 15.01
N ASP A 124 13.08 11.20 15.63
CA ASP A 124 13.15 11.14 17.09
C ASP A 124 12.63 12.43 17.72
N GLU A 125 13.05 13.59 17.19
CA GLU A 125 12.61 14.86 17.75
C GLU A 125 11.12 15.07 17.53
N LEU A 126 10.62 14.65 16.38
CA LEU A 126 9.21 14.78 16.07
C LEU A 126 8.42 13.94 17.07
N LEU A 127 8.84 12.69 17.24
CA LEU A 127 8.17 11.79 18.18
C LEU A 127 8.25 12.34 19.60
N GLN A 128 9.34 13.05 19.91
CA GLN A 128 9.49 13.61 21.25
C GLN A 128 8.55 14.79 21.46
N SER A 129 8.28 15.55 20.41
CA SER A 129 7.37 16.68 20.52
C SER A 129 5.97 16.18 20.82
N PHE A 130 5.66 14.98 20.35
CA PHE A 130 4.35 14.37 20.59
C PHE A 130 4.31 13.90 22.04
N THR A 131 5.34 13.15 22.43
CA THR A 131 5.44 12.63 23.79
C THR A 131 5.31 13.74 24.83
N SER A 132 5.99 14.86 24.58
CA SER A 132 5.98 16.00 25.51
C SER A 132 4.58 16.54 25.78
N LEU A 133 3.65 16.28 24.88
CA LEU A 133 2.29 16.76 25.07
C LEU A 133 1.66 16.14 26.32
N PHE A 134 2.14 14.97 26.71
CA PHE A 134 1.60 14.28 27.87
C PHE A 134 2.56 14.24 29.05
N LYS A 135 3.54 15.15 29.05
CA LYS A 135 4.53 15.22 30.11
C LYS A 135 3.96 15.49 31.52
N ASP A 136 2.80 16.14 31.57
CA ASP A 136 2.20 16.48 32.87
C ASP A 136 1.13 15.49 33.36
N GLU A 137 0.97 14.38 32.65
CA GLU A 137 -0.02 13.38 33.04
C GLU A 137 0.61 12.34 33.94
N TYR A 138 -0.02 12.07 35.08
CA TYR A 138 0.49 11.08 36.02
C TYR A 138 -0.36 9.82 36.07
N LYS A 139 -1.62 9.95 35.65
CA LYS A 139 -2.54 8.82 35.63
C LYS A 139 -3.33 8.81 34.33
N ILE A 140 -3.93 7.67 34.02
CA ILE A 140 -4.73 7.52 32.81
C ILE A 140 -5.79 6.47 33.17
N PRO A 141 -6.75 6.86 34.02
CA PRO A 141 -7.83 5.97 34.47
C PRO A 141 -8.91 5.66 33.45
N ARG A 142 -9.64 4.57 33.72
CA ARG A 142 -10.75 4.14 32.89
C ARG A 142 -11.73 5.31 32.81
N ASN A 143 -12.35 5.47 31.64
CA ASN A 143 -13.32 6.53 31.36
C ASN A 143 -12.70 7.87 31.01
N SER A 144 -11.37 7.94 30.93
CA SER A 144 -10.71 9.19 30.54
C SER A 144 -10.96 9.34 29.04
N THR A 145 -11.12 10.58 28.59
CA THR A 145 -11.36 10.85 27.17
C THR A 145 -10.24 11.70 26.59
N ILE A 146 -9.68 11.25 25.48
CA ILE A 146 -8.62 12.00 24.81
C ILE A 146 -9.07 12.27 23.39
N ASP A 147 -8.94 13.51 22.96
CA ASP A 147 -9.33 13.90 21.61
C ASP A 147 -8.11 14.30 20.78
N LEU A 148 -7.84 13.54 19.73
CA LEU A 148 -6.74 13.83 18.82
C LEU A 148 -7.40 14.47 17.61
N THR A 149 -7.02 15.69 17.28
CA THR A 149 -7.64 16.32 16.13
C THR A 149 -6.66 16.81 15.07
N LYS A 150 -7.08 16.66 13.81
CA LYS A 150 -6.31 17.11 12.67
C LYS A 150 -6.96 18.44 12.31
N ASP A 151 -6.29 19.52 12.69
CA ASP A 151 -6.78 20.86 12.41
C ASP A 151 -6.25 21.31 11.05
N PRO A 152 -6.80 22.39 10.47
CA PRO A 152 -6.33 22.86 9.17
C PRO A 152 -4.82 23.02 9.11
N GLY A 153 -4.26 22.79 7.92
CA GLY A 153 -2.82 22.90 7.75
C GLY A 153 -2.09 21.76 8.44
N HIS A 154 -2.75 20.59 8.47
CA HIS A 154 -2.18 19.41 9.09
C HIS A 154 -1.51 19.70 10.44
N VAL A 155 -2.27 20.29 11.35
CA VAL A 155 -1.80 20.59 12.69
C VAL A 155 -2.47 19.58 13.62
N LEU A 156 -1.66 18.84 14.37
CA LEU A 156 -2.20 17.84 15.29
C LEU A 156 -2.42 18.45 16.67
N SER A 157 -3.66 18.47 17.13
CA SER A 157 -3.97 19.01 18.45
C SER A 157 -4.51 17.92 19.36
N VAL A 158 -4.16 18.01 20.64
CA VAL A 158 -4.60 17.03 21.61
C VAL A 158 -5.29 17.67 22.81
N ALA A 159 -6.42 17.09 23.20
CA ALA A 159 -7.17 17.56 24.34
C ALA A 159 -7.44 16.35 25.24
N ILE A 160 -7.23 16.54 26.54
CA ILE A 160 -7.45 15.48 27.51
C ILE A 160 -8.53 15.92 28.49
N GLU A 161 -9.57 15.11 28.63
CA GLU A 161 -10.70 15.41 29.50
C GLU A 161 -11.27 16.79 29.21
N GLY A 162 -11.28 17.16 27.93
CA GLY A 162 -11.81 18.45 27.52
C GLY A 162 -10.86 19.62 27.58
N ASN A 163 -9.64 19.38 28.05
CA ASN A 163 -8.64 20.45 28.15
C ASN A 163 -7.54 20.32 27.09
N HIS A 164 -7.40 21.35 26.27
CA HIS A 164 -6.37 21.35 25.24
C HIS A 164 -5.00 21.32 25.90
N VAL A 165 -4.13 20.41 25.46
CA VAL A 165 -2.80 20.29 26.05
C VAL A 165 -1.66 20.72 25.13
N GLY A 166 -1.96 20.92 23.85
CA GLY A 166 -0.91 21.34 22.94
C GLY A 166 -1.14 20.90 21.51
N SER A 167 -0.28 21.37 20.62
CA SER A 167 -0.39 21.03 19.21
C SER A 167 0.99 20.85 18.61
N VAL A 168 1.02 20.17 17.46
CA VAL A 168 2.24 19.93 16.72
C VAL A 168 1.89 20.05 15.24
N LYS A 169 2.52 21.00 14.55
CA LYS A 169 2.26 21.18 13.14
C LYS A 169 3.19 20.24 12.39
N SER A 170 2.63 19.19 11.81
CA SER A 170 3.42 18.20 11.09
C SER A 170 2.53 17.30 10.24
N HIS A 171 2.69 17.39 8.93
CA HIS A 171 1.93 16.57 8.01
C HIS A 171 2.27 15.11 8.29
N LEU A 172 3.55 14.86 8.55
CA LEU A 172 4.02 13.50 8.84
C LEU A 172 3.36 12.90 10.08
N LEU A 173 3.36 13.65 11.17
CA LEU A 173 2.76 13.16 12.41
C LEU A 173 1.26 12.89 12.24
N CYS A 174 0.55 13.83 11.59
CA CYS A 174 -0.88 13.65 11.38
C CYS A 174 -1.15 12.38 10.60
N ARG A 175 -0.42 12.19 9.52
CA ARG A 175 -0.56 11.01 8.67
C ARG A 175 -0.28 9.73 9.44
N SER A 176 0.82 9.73 10.20
CA SER A 176 1.20 8.56 10.98
C SER A 176 0.16 8.13 12.00
N ILE A 177 -0.33 9.08 12.79
CA ILE A 177 -1.33 8.77 13.81
C ILE A 177 -2.62 8.25 13.16
N LEU A 178 -3.13 8.98 12.18
CA LEU A 178 -4.35 8.56 11.50
C LEU A 178 -4.21 7.19 10.86
N ASP A 179 -3.02 6.87 10.39
CA ASP A 179 -2.80 5.57 9.73
C ASP A 179 -3.05 4.39 10.67
N LEU A 180 -2.87 4.62 11.98
CA LEU A 180 -3.09 3.57 12.97
C LEU A 180 -4.56 3.17 13.04
N TYR A 181 -5.43 4.12 12.74
CA TYR A 181 -6.87 3.88 12.82
C TYR A 181 -7.57 3.61 11.48
N ILE A 182 -7.12 4.28 10.42
CA ILE A 182 -7.76 4.14 9.11
C ILE A 182 -6.82 3.69 7.99
N GLY A 183 -5.66 3.16 8.35
CA GLY A 183 -4.70 2.72 7.35
C GLY A 183 -4.79 1.25 6.95
N GLU A 184 -3.78 0.79 6.24
CA GLU A 184 -3.73 -0.59 5.76
C GLU A 184 -3.73 -1.64 6.87
N GLU A 185 -3.06 -1.34 7.98
CA GLU A 185 -2.98 -2.25 9.11
C GLU A 185 -3.49 -1.53 10.37
N PRO A 186 -4.81 -1.33 10.47
CA PRO A 186 -5.50 -0.64 11.57
C PRO A 186 -5.69 -1.45 12.84
N PHE A 187 -5.96 -0.75 13.94
CA PHE A 187 -6.20 -1.40 15.21
C PHE A 187 -7.48 -2.23 15.14
N ASP A 188 -8.43 -1.76 14.35
CA ASP A 188 -9.73 -2.42 14.23
C ASP A 188 -10.19 -2.36 12.77
N LYS A 189 -10.06 -3.47 12.06
CA LYS A 189 -10.46 -3.50 10.66
C LYS A 189 -11.93 -3.18 10.45
N ASN A 190 -12.79 -3.68 11.32
CA ASN A 190 -14.22 -3.41 11.18
C ASN A 190 -14.48 -1.91 11.23
N ALA A 191 -13.78 -1.22 12.12
CA ALA A 191 -13.94 0.22 12.26
C ALA A 191 -13.47 0.94 11.01
N ARG A 192 -12.40 0.45 10.39
CA ARG A 192 -11.89 1.07 9.18
C ARG A 192 -12.87 0.90 8.03
N GLU A 193 -13.44 -0.29 7.91
CA GLU A 193 -14.38 -0.57 6.84
C GLU A 193 -15.62 0.32 6.97
N ASP A 194 -16.11 0.49 8.19
CA ASP A 194 -17.27 1.34 8.43
C ASP A 194 -16.90 2.77 8.09
N PHE A 195 -15.69 3.19 8.45
CA PHE A 195 -15.26 4.56 8.18
C PHE A 195 -15.25 4.84 6.69
N LEU A 196 -14.65 3.92 5.91
CA LEU A 196 -14.56 4.09 4.46
C LEU A 196 -15.94 4.01 3.81
N ASP A 197 -16.78 3.11 4.30
CA ASP A 197 -18.13 2.97 3.75
C ASP A 197 -18.91 4.26 3.98
N ASN A 198 -18.85 4.79 5.20
CA ASN A 198 -19.59 6.00 5.53
C ASN A 198 -18.97 7.27 4.94
N ALA A 199 -17.64 7.27 4.77
CA ALA A 199 -16.98 8.44 4.18
C ALA A 199 -17.41 8.52 2.71
N ALA A 200 -17.56 7.36 2.09
CA ALA A 200 -17.95 7.29 0.69
C ALA A 200 -19.39 7.76 0.51
N SER A 201 -20.22 7.52 1.53
CA SER A 201 -21.63 7.90 1.49
C SER A 201 -21.87 9.35 1.91
N LEU A 202 -21.00 9.86 2.77
CA LEU A 202 -21.12 11.21 3.32
C LEU A 202 -21.32 12.33 2.31
N ALA A 203 -20.74 12.19 1.12
CA ALA A 203 -20.87 13.23 0.11
C ALA A 203 -22.27 13.31 -0.50
N PHE A 204 -23.09 12.29 -0.26
CA PHE A 204 -24.45 12.25 -0.82
C PHE A 204 -25.57 12.53 0.18
N ASP A 205 -25.23 13.06 1.35
CA ASP A 205 -26.25 13.35 2.36
C ASP A 205 -26.94 14.70 2.14
N GLU B 3 -5.60 -19.36 -2.58
CA GLU B 3 -4.29 -19.86 -2.09
C GLU B 3 -3.20 -18.80 -2.30
N SER B 4 -3.41 -17.62 -1.71
CA SER B 4 -2.47 -16.51 -1.82
C SER B 4 -1.07 -16.83 -1.32
N VAL B 5 -0.09 -16.15 -1.88
CA VAL B 5 1.31 -16.35 -1.50
C VAL B 5 1.85 -15.11 -0.81
N VAL B 6 2.54 -15.31 0.31
CA VAL B 6 3.08 -14.20 1.07
C VAL B 6 4.58 -14.04 0.90
N GLU B 7 5.01 -12.81 0.66
CA GLU B 7 6.43 -12.50 0.54
C GLU B 7 6.79 -12.34 2.03
N PRO B 8 7.60 -13.26 2.56
CA PRO B 8 8.03 -13.26 3.98
C PRO B 8 8.64 -12.00 4.59
N LYS B 9 9.61 -11.42 3.90
CA LYS B 9 10.27 -10.23 4.45
C LYS B 9 9.35 -9.03 4.68
N THR B 10 8.42 -8.82 3.75
CA THR B 10 7.50 -7.68 3.85
C THR B 10 6.12 -8.04 4.37
N GLY B 11 5.75 -9.30 4.23
CA GLY B 11 4.43 -9.73 4.68
C GLY B 11 3.35 -9.47 3.64
N PHE B 12 3.72 -8.91 2.49
CA PHE B 12 2.74 -8.63 1.43
C PHE B 12 2.21 -9.90 0.77
N SER B 13 0.92 -9.90 0.44
CA SER B 13 0.28 -11.05 -0.16
C SER B 13 -0.05 -10.87 -1.64
N PHE B 14 0.07 -11.96 -2.40
CA PHE B 14 -0.21 -11.97 -3.83
C PHE B 14 -1.22 -13.08 -4.14
N PRO B 15 -2.27 -12.78 -4.91
CA PRO B 15 -3.25 -13.82 -5.24
C PRO B 15 -2.67 -14.91 -6.13
N ALA B 16 -3.23 -16.10 -6.04
CA ALA B 16 -2.76 -17.22 -6.82
C ALA B 16 -3.00 -17.00 -8.32
N SER B 17 -4.03 -16.22 -8.65
CA SER B 17 -4.38 -15.96 -10.05
C SER B 17 -4.96 -14.56 -10.20
N ILE B 18 -4.86 -14.00 -11.40
CA ILE B 18 -5.41 -12.68 -11.69
C ILE B 18 -5.92 -12.61 -13.13
N GLY B 19 -6.64 -11.53 -13.44
CA GLY B 19 -7.18 -11.34 -14.77
C GLY B 19 -7.82 -12.59 -15.34
N ASP B 20 -7.51 -12.90 -16.59
CA ASP B 20 -8.06 -14.08 -17.26
C ASP B 20 -7.15 -15.31 -17.17
N SER B 21 -7.19 -15.97 -16.01
CA SER B 21 -6.41 -17.18 -15.77
C SER B 21 -4.88 -17.04 -15.85
N ARG B 22 -4.36 -15.92 -15.35
CA ARG B 22 -2.91 -15.73 -15.34
C ARG B 22 -2.47 -16.28 -13.97
N ARG B 23 -1.55 -17.23 -13.97
CA ARG B 23 -1.10 -17.86 -12.74
C ARG B 23 0.19 -17.29 -12.14
N LEU B 24 0.18 -17.14 -10.82
CA LEU B 24 1.35 -16.63 -10.11
C LEU B 24 2.41 -17.73 -10.11
N LEU B 25 3.58 -17.42 -10.68
CA LEU B 25 4.66 -18.40 -10.77
C LEU B 25 5.89 -18.03 -9.95
N GLY B 26 6.01 -16.75 -9.59
CA GLY B 26 7.16 -16.33 -8.82
C GLY B 26 6.90 -15.04 -8.07
N VAL B 27 7.53 -14.87 -6.92
CA VAL B 27 7.37 -13.67 -6.10
C VAL B 27 8.76 -13.24 -5.62
N GLY B 28 9.05 -11.94 -5.71
CA GLY B 28 10.34 -11.46 -5.28
C GLY B 28 10.33 -10.03 -4.75
N LEU B 29 11.52 -9.53 -4.45
CA LEU B 29 11.70 -8.18 -3.94
C LEU B 29 12.65 -7.38 -4.81
N ARG B 30 12.30 -6.13 -5.07
CA ARG B 30 13.15 -5.26 -5.86
C ARG B 30 13.77 -4.33 -4.82
N LYS B 31 15.08 -4.47 -4.65
CA LYS B 31 15.80 -3.66 -3.69
C LYS B 31 16.56 -2.55 -4.40
N LYS B 32 17.01 -1.57 -3.63
CA LYS B 32 17.78 -0.48 -4.17
C LYS B 32 19.01 -0.33 -3.29
N SER B 33 20.18 -0.67 -3.83
CA SER B 33 21.41 -0.57 -3.08
C SER B 33 21.83 0.90 -3.04
N LEU B 34 21.94 1.44 -1.84
CA LEU B 34 22.33 2.83 -1.68
C LEU B 34 23.80 2.87 -1.26
N LEU B 35 24.25 4.02 -0.79
CA LEU B 35 25.64 4.17 -0.37
C LEU B 35 26.03 3.19 0.73
N GLY B 36 27.21 2.57 0.56
CA GLY B 36 27.72 1.63 1.55
C GLY B 36 26.86 0.42 1.88
N LEU B 37 26.55 0.28 3.17
CA LEU B 37 25.76 -0.84 3.67
C LEU B 37 24.26 -0.52 3.78
N LYS B 38 23.85 0.61 3.19
CA LYS B 38 22.45 0.99 3.24
C LYS B 38 21.70 0.40 2.04
N ASN B 39 20.55 -0.21 2.31
CA ASN B 39 19.74 -0.79 1.25
C ASN B 39 18.28 -0.60 1.62
N ILE B 40 17.40 -0.61 0.64
CA ILE B 40 15.98 -0.47 0.93
C ILE B 40 15.19 -1.40 0.04
N ASP B 41 14.07 -1.88 0.57
CA ASP B 41 13.17 -2.74 -0.20
C ASP B 41 12.19 -1.77 -0.83
N VAL B 42 12.27 -1.62 -2.15
CA VAL B 42 11.41 -0.68 -2.84
C VAL B 42 10.00 -1.22 -3.02
N TYR B 43 9.89 -2.43 -3.54
CA TYR B 43 8.59 -3.05 -3.74
C TYR B 43 8.70 -4.55 -3.89
N ALA B 44 7.61 -5.25 -3.60
CA ALA B 44 7.55 -6.70 -3.76
C ALA B 44 6.82 -6.85 -5.09
N PHE B 45 7.06 -7.97 -5.77
CA PHE B 45 6.38 -8.19 -7.04
C PHE B 45 6.06 -9.66 -7.25
N GLY B 46 5.03 -9.89 -8.06
CA GLY B 46 4.60 -11.23 -8.38
C GLY B 46 4.57 -11.33 -9.89
N VAL B 47 5.08 -12.43 -10.43
CA VAL B 47 5.12 -12.62 -11.88
C VAL B 47 4.06 -13.66 -12.25
N TYR B 48 3.11 -13.24 -13.08
CA TYR B 48 2.01 -14.09 -13.54
C TYR B 48 2.10 -14.37 -15.03
N ALA B 49 1.69 -15.57 -15.42
CA ALA B 49 1.71 -15.94 -16.83
C ALA B 49 0.47 -16.74 -17.19
N ASP B 50 0.00 -16.57 -18.42
CA ASP B 50 -1.17 -17.29 -18.92
C ASP B 50 -0.67 -18.72 -19.13
N CYS B 51 -1.22 -19.68 -18.39
CA CYS B 51 -0.79 -21.06 -18.50
C CYS B 51 -0.97 -21.67 -19.88
N ASP B 52 -2.05 -21.32 -20.55
CA ASP B 52 -2.30 -21.84 -21.89
C ASP B 52 -1.21 -21.39 -22.86
N ASP B 53 -0.74 -20.16 -22.71
CA ASP B 53 0.31 -19.64 -23.59
C ASP B 53 1.63 -20.37 -23.35
N VAL B 54 1.94 -20.64 -22.09
CA VAL B 54 3.18 -21.33 -21.77
C VAL B 54 3.10 -22.77 -22.28
N LYS B 55 1.94 -23.39 -22.12
CA LYS B 55 1.79 -24.76 -22.59
C LYS B 55 1.97 -24.80 -24.11
N LYS B 56 1.47 -23.78 -24.80
CA LYS B 56 1.59 -23.72 -26.25
C LYS B 56 3.06 -23.61 -26.68
N LEU B 57 3.83 -22.80 -25.95
CA LEU B 57 5.25 -22.63 -26.26
C LEU B 57 5.99 -23.95 -26.10
N VAL B 58 5.72 -24.67 -25.01
CA VAL B 58 6.37 -25.95 -24.77
C VAL B 58 6.01 -26.93 -25.89
N GLY B 59 4.75 -26.93 -26.31
CA GLY B 59 4.32 -27.82 -27.36
C GLY B 59 4.93 -27.47 -28.71
N ASP B 60 5.18 -26.19 -28.95
CA ASP B 60 5.75 -25.73 -30.21
C ASP B 60 7.26 -25.88 -30.33
N LYS B 61 7.98 -25.61 -29.25
CA LYS B 61 9.43 -25.67 -29.30
C LYS B 61 10.13 -26.61 -28.33
N TYR B 62 9.40 -27.16 -27.35
CA TYR B 62 10.04 -28.06 -26.39
C TYR B 62 9.26 -29.34 -26.13
N ALA B 63 8.62 -29.87 -27.17
CA ALA B 63 7.83 -31.08 -27.05
C ALA B 63 8.65 -32.34 -26.75
N ASN B 64 8.02 -33.30 -26.09
CA ASN B 64 8.66 -34.57 -25.73
C ASN B 64 9.95 -34.41 -24.92
N LEU B 65 9.94 -33.46 -23.99
CA LEU B 65 11.11 -33.22 -23.15
C LEU B 65 10.69 -33.14 -21.69
N PRO B 66 11.46 -33.79 -20.81
CA PRO B 66 11.09 -33.71 -19.38
C PRO B 66 11.35 -32.28 -18.91
N ALA B 67 10.73 -31.89 -17.81
CA ALA B 67 10.89 -30.53 -17.26
C ALA B 67 12.34 -30.08 -17.16
N SER B 68 13.18 -30.92 -16.58
CA SER B 68 14.59 -30.60 -16.41
C SER B 68 15.29 -30.27 -17.74
N GLU B 69 14.91 -30.95 -18.81
CA GLU B 69 15.52 -30.69 -20.11
C GLU B 69 15.00 -29.40 -20.72
N ILE B 70 13.75 -29.06 -20.42
CA ILE B 70 13.16 -27.82 -20.91
C ILE B 70 13.92 -26.70 -20.20
N ARG B 71 14.01 -26.82 -18.90
CA ARG B 71 14.70 -25.83 -18.05
C ARG B 71 16.16 -25.66 -18.44
N GLY B 72 16.81 -26.75 -18.82
CA GLY B 72 18.22 -26.70 -19.20
C GLY B 72 18.51 -25.92 -20.47
N ASN B 73 17.45 -25.49 -21.15
CA ASN B 73 17.61 -24.74 -22.40
C ASN B 73 17.67 -23.24 -22.12
N LYS B 74 18.81 -22.64 -22.41
CA LYS B 74 19.00 -21.20 -22.22
C LYS B 74 17.91 -20.44 -22.96
N SER B 75 17.48 -21.02 -24.09
CA SER B 75 16.45 -20.42 -24.93
C SER B 75 15.06 -20.40 -24.31
N PHE B 76 14.82 -21.24 -23.30
CA PHE B 76 13.51 -21.28 -22.66
C PHE B 76 13.21 -19.93 -22.00
N MET B 77 14.16 -19.46 -21.20
CA MET B 77 14.01 -18.17 -20.52
C MET B 77 13.74 -17.07 -21.54
N ASP B 78 14.56 -17.03 -22.57
CA ASP B 78 14.42 -16.01 -23.61
C ASP B 78 13.13 -16.16 -24.41
N ASP B 79 12.78 -17.39 -24.77
CA ASP B 79 11.55 -17.63 -25.52
C ASP B 79 10.31 -17.20 -24.74
N LEU B 80 10.33 -17.39 -23.42
CA LEU B 80 9.19 -17.01 -22.58
C LEU B 80 8.92 -15.51 -22.68
N MET B 81 9.98 -14.72 -22.79
CA MET B 81 9.83 -13.27 -22.88
C MET B 81 9.63 -12.76 -24.30
N GLU B 82 10.21 -13.47 -25.27
CA GLU B 82 10.13 -13.08 -26.67
C GLU B 82 8.85 -13.50 -27.38
N ALA B 83 8.28 -14.62 -26.94
CA ALA B 83 7.07 -15.12 -27.56
C ALA B 83 5.85 -14.27 -27.17
N ASP B 84 4.73 -14.50 -27.84
CA ASP B 84 3.51 -13.76 -27.55
C ASP B 84 2.82 -14.49 -26.39
N ILE B 85 3.43 -14.38 -25.22
CA ILE B 85 2.92 -15.02 -24.01
C ILE B 85 2.41 -13.95 -23.04
N LYS B 86 1.12 -14.00 -22.73
CA LYS B 86 0.53 -13.04 -21.81
C LYS B 86 1.10 -13.19 -20.41
N MET B 87 1.57 -12.07 -19.85
CA MET B 87 2.15 -12.05 -18.52
C MET B 87 1.79 -10.77 -17.79
N THR B 88 1.86 -10.81 -16.46
CA THR B 88 1.58 -9.62 -15.67
C THR B 88 2.56 -9.56 -14.52
N ILE B 89 3.14 -8.38 -14.32
CA ILE B 89 4.03 -8.17 -13.21
C ILE B 89 3.24 -7.30 -12.25
N ARG B 90 2.91 -7.81 -11.07
CA ARG B 90 2.20 -7.00 -10.10
C ARG B 90 3.18 -6.47 -9.07
N LEU B 91 3.22 -5.14 -8.95
CA LEU B 91 4.11 -4.49 -7.98
C LEU B 91 3.29 -3.97 -6.82
N GLN B 92 3.80 -4.19 -5.60
CA GLN B 92 3.16 -3.70 -4.40
C GLN B 92 4.23 -2.90 -3.67
N ILE B 93 4.03 -1.59 -3.60
CA ILE B 93 5.00 -0.70 -2.98
C ILE B 93 5.27 -0.94 -1.49
N VAL B 94 6.56 -1.08 -1.17
CA VAL B 94 6.99 -1.31 0.21
C VAL B 94 7.56 -0.05 0.87
N TYR B 95 8.49 0.62 0.19
CA TYR B 95 9.11 1.83 0.75
C TYR B 95 8.04 2.91 0.91
N GLY B 96 8.05 3.57 2.06
CA GLY B 96 7.02 4.57 2.33
C GLY B 96 7.24 6.01 1.94
N LYS B 97 8.45 6.37 1.50
CA LYS B 97 8.68 7.75 1.12
C LYS B 97 9.38 7.92 -0.22
N LEU B 98 8.82 7.28 -1.25
CA LEU B 98 9.38 7.38 -2.59
C LEU B 98 9.16 8.77 -3.15
N ASN B 99 10.19 9.31 -3.78
CA ASN B 99 10.13 10.63 -4.41
C ASN B 99 9.81 10.31 -5.87
N ILE B 100 8.69 10.82 -6.37
CA ILE B 100 8.29 10.53 -7.75
C ILE B 100 9.31 10.96 -8.80
N ARG B 101 10.02 12.05 -8.54
CA ARG B 101 11.03 12.51 -9.49
C ARG B 101 12.16 11.49 -9.54
N SER B 102 12.55 10.98 -8.38
CA SER B 102 13.63 9.99 -8.31
C SER B 102 13.16 8.65 -8.87
N VAL B 103 11.88 8.35 -8.73
CA VAL B 103 11.33 7.09 -9.24
C VAL B 103 11.36 7.12 -10.77
N ARG B 104 10.99 8.25 -11.37
CA ARG B 104 11.02 8.36 -12.82
C ARG B 104 12.46 8.22 -13.32
N ASN B 105 13.40 8.87 -12.66
CA ASN B 105 14.79 8.76 -13.06
C ASN B 105 15.23 7.31 -12.97
N ALA B 106 14.76 6.63 -11.93
CA ALA B 106 15.12 5.24 -11.69
C ALA B 106 14.64 4.25 -12.76
N PHE B 107 13.38 4.32 -13.16
CA PHE B 107 12.92 3.37 -14.16
C PHE B 107 13.38 3.72 -15.57
N GLN B 108 13.72 4.99 -15.79
CA GLN B 108 14.21 5.36 -17.11
C GLN B 108 15.60 4.75 -17.26
N GLU B 109 16.31 4.64 -16.15
CA GLU B 109 17.64 4.05 -16.13
C GLU B 109 17.56 2.54 -16.29
N SER B 110 16.68 1.89 -15.52
CA SER B 110 16.55 0.44 -15.58
C SER B 110 15.94 -0.01 -16.90
N VAL B 111 14.81 0.58 -17.28
CA VAL B 111 14.16 0.21 -18.53
C VAL B 111 15.01 0.65 -19.72
N GLY B 112 15.62 1.82 -19.60
CA GLY B 112 16.46 2.33 -20.69
C GLY B 112 17.64 1.41 -20.94
N ASN B 113 18.23 0.89 -19.86
CA ASN B 113 19.35 -0.02 -19.96
C ASN B 113 18.97 -1.26 -20.76
N ARG B 114 17.80 -1.82 -20.50
CA ARG B 114 17.35 -3.02 -21.20
C ARG B 114 16.93 -2.78 -22.64
N LEU B 115 16.36 -1.61 -22.92
CA LEU B 115 15.96 -1.32 -24.29
C LEU B 115 17.22 -1.32 -25.13
N LYS B 116 18.29 -0.74 -24.59
CA LYS B 116 19.56 -0.67 -25.29
C LYS B 116 20.11 -2.08 -25.52
N LYS B 117 19.99 -2.91 -24.50
CA LYS B 117 20.47 -4.29 -24.58
C LYS B 117 19.83 -5.08 -25.73
N PHE B 118 18.53 -4.93 -25.89
CA PHE B 118 17.82 -5.65 -26.94
C PHE B 118 17.55 -4.90 -28.23
N GLY B 119 17.67 -3.57 -28.22
CA GLY B 119 17.37 -2.84 -29.44
C GLY B 119 18.24 -1.68 -29.89
N GLY B 120 19.49 -1.66 -29.48
CA GLY B 120 20.35 -0.56 -29.90
C GLY B 120 20.33 0.64 -28.98
N SER B 121 21.10 1.67 -29.35
CA SER B 121 21.23 2.87 -28.54
C SER B 121 20.17 3.95 -28.68
N ASP B 122 19.37 3.93 -29.75
CA ASP B 122 18.35 4.95 -29.93
C ASP B 122 16.93 4.48 -29.57
N ASN B 123 16.58 4.61 -28.30
CA ASN B 123 15.25 4.19 -27.83
C ASN B 123 14.58 5.31 -27.04
N ASP B 124 15.05 6.54 -27.20
CA ASP B 124 14.50 7.67 -26.47
C ASP B 124 12.99 7.89 -26.66
N GLU B 125 12.53 7.83 -27.90
CA GLU B 125 11.11 8.03 -28.16
C GLU B 125 10.28 6.93 -27.50
N LEU B 126 10.73 5.69 -27.59
CA LEU B 126 10.01 4.58 -26.99
C LEU B 126 10.01 4.71 -25.46
N LEU B 127 11.16 5.02 -24.89
CA LEU B 127 11.26 5.17 -23.44
C LEU B 127 10.32 6.29 -22.99
N GLN B 128 10.24 7.36 -23.78
CA GLN B 128 9.36 8.46 -23.43
C GLN B 128 7.89 8.05 -23.47
N SER B 129 7.50 7.21 -24.43
CA SER B 129 6.10 6.78 -24.50
C SER B 129 5.73 6.02 -23.24
N PHE B 130 6.70 5.33 -22.65
CA PHE B 130 6.45 4.57 -21.41
C PHE B 130 6.33 5.58 -20.26
N THR B 131 7.30 6.47 -20.16
CA THR B 131 7.31 7.49 -19.12
C THR B 131 5.99 8.25 -19.13
N SER B 132 5.52 8.62 -20.32
CA SER B 132 4.27 9.38 -20.45
C SER B 132 3.03 8.72 -19.86
N LEU B 133 3.06 7.39 -19.74
CA LEU B 133 1.92 6.69 -19.16
C LEU B 133 1.68 7.11 -17.72
N PHE B 134 2.72 7.64 -17.09
CA PHE B 134 2.64 8.05 -15.68
C PHE B 134 2.59 9.57 -15.46
N LYS B 135 2.32 10.31 -16.53
CA LYS B 135 2.29 11.78 -16.47
C LYS B 135 1.34 12.39 -15.46
N ASP B 136 0.29 11.67 -15.07
CA ASP B 136 -0.67 12.24 -14.12
C ASP B 136 -0.42 11.84 -12.66
N GLU B 137 0.59 11.01 -12.42
CA GLU B 137 0.87 10.56 -11.06
C GLU B 137 1.75 11.53 -10.27
N TYR B 138 1.49 11.65 -8.98
CA TYR B 138 2.27 12.52 -8.11
C TYR B 138 2.70 11.82 -6.83
N LYS B 139 2.13 10.63 -6.59
CA LYS B 139 2.48 9.86 -5.40
C LYS B 139 2.53 8.37 -5.66
N ILE B 140 3.39 7.67 -4.92
CA ILE B 140 3.55 6.21 -5.02
C ILE B 140 3.59 5.73 -3.58
N PRO B 141 2.44 5.70 -2.90
CA PRO B 141 2.32 5.28 -1.50
C PRO B 141 2.59 3.81 -1.22
N ARG B 142 3.06 3.53 -0.01
CA ARG B 142 3.30 2.15 0.40
C ARG B 142 1.95 1.44 0.25
N ASN B 143 2.01 0.18 -0.18
CA ASN B 143 0.83 -0.66 -0.41
C ASN B 143 0.08 -0.39 -1.71
N SER B 144 0.44 0.64 -2.44
CA SER B 144 -0.25 0.88 -3.70
C SER B 144 0.19 -0.24 -4.65
N THR B 145 -0.67 -0.58 -5.59
CA THR B 145 -0.39 -1.65 -6.54
C THR B 145 -0.29 -1.15 -7.98
N ILE B 146 0.65 -1.69 -8.73
CA ILE B 146 0.82 -1.33 -10.13
C ILE B 146 0.95 -2.62 -10.93
N ASP B 147 0.09 -2.77 -11.95
CA ASP B 147 0.16 -3.98 -12.76
C ASP B 147 0.71 -3.65 -14.15
N LEU B 148 1.82 -4.30 -14.51
CA LEU B 148 2.44 -4.12 -15.83
C LEU B 148 1.95 -5.33 -16.58
N THR B 149 1.06 -5.12 -17.53
CA THR B 149 0.49 -6.22 -18.29
C THR B 149 0.97 -6.39 -19.71
N LYS B 150 1.48 -7.57 -20.04
CA LYS B 150 1.87 -7.83 -21.42
C LYS B 150 0.65 -8.51 -22.02
N ASP B 151 -0.06 -7.76 -22.85
CA ASP B 151 -1.26 -8.26 -23.52
C ASP B 151 -0.91 -8.83 -24.88
N PRO B 152 -1.89 -9.46 -25.56
CA PRO B 152 -1.64 -10.04 -26.88
C PRO B 152 -1.10 -9.00 -27.87
N GLY B 153 -0.30 -9.44 -28.82
CA GLY B 153 0.25 -8.52 -29.79
C GLY B 153 1.35 -7.63 -29.23
N HIS B 154 2.00 -8.09 -28.16
CA HIS B 154 3.08 -7.36 -27.53
C HIS B 154 2.70 -5.93 -27.15
N VAL B 155 1.55 -5.80 -26.50
CA VAL B 155 1.06 -4.52 -26.06
C VAL B 155 1.25 -4.42 -24.54
N LEU B 156 2.00 -3.42 -24.10
CA LEU B 156 2.20 -3.22 -22.67
C LEU B 156 1.09 -2.32 -22.13
N SER B 157 0.34 -2.81 -21.16
CA SER B 157 -0.71 -2.01 -20.55
C SER B 157 -0.33 -1.81 -19.10
N VAL B 158 -0.65 -0.62 -18.57
CA VAL B 158 -0.34 -0.31 -17.17
C VAL B 158 -1.60 0.11 -16.43
N ALA B 159 -1.78 -0.43 -15.23
CA ALA B 159 -2.91 -0.11 -14.37
C ALA B 159 -2.33 0.27 -13.01
N ILE B 160 -2.84 1.33 -12.42
CA ILE B 160 -2.38 1.79 -11.12
C ILE B 160 -3.56 1.81 -10.17
N GLU B 161 -3.42 1.11 -9.05
CA GLU B 161 -4.48 1.03 -8.06
C GLU B 161 -5.78 0.57 -8.70
N GLY B 162 -5.69 -0.43 -9.57
CA GLY B 162 -6.86 -0.97 -10.23
C GLY B 162 -7.42 -0.25 -11.44
N ASN B 163 -6.84 0.89 -11.79
CA ASN B 163 -7.33 1.63 -12.95
C ASN B 163 -6.33 1.68 -14.10
N HIS B 164 -6.80 1.36 -15.29
CA HIS B 164 -5.94 1.38 -16.49
C HIS B 164 -5.47 2.82 -16.73
N VAL B 165 -4.18 3.00 -17.01
CA VAL B 165 -3.66 4.33 -17.27
C VAL B 165 -3.21 4.53 -18.71
N GLY B 166 -3.07 3.44 -19.47
CA GLY B 166 -2.64 3.55 -20.85
C GLY B 166 -1.87 2.35 -21.34
N SER B 167 -1.52 2.35 -22.62
CA SER B 167 -0.80 1.23 -23.21
C SER B 167 0.21 1.69 -24.26
N VAL B 168 1.16 0.82 -24.55
CA VAL B 168 2.17 1.10 -25.57
C VAL B 168 2.38 -0.19 -26.34
N LYS B 169 2.24 -0.13 -27.66
CA LYS B 169 2.45 -1.31 -28.49
C LYS B 169 3.94 -1.34 -28.83
N SER B 170 4.64 -2.36 -28.33
CA SER B 170 6.07 -2.49 -28.60
C SER B 170 6.62 -3.81 -28.12
N HIS B 171 7.09 -4.63 -29.05
CA HIS B 171 7.66 -5.92 -28.68
C HIS B 171 8.93 -5.68 -27.87
N LEU B 172 9.71 -4.69 -28.30
CA LEU B 172 10.94 -4.35 -27.62
C LEU B 172 10.69 -3.93 -26.16
N LEU B 173 9.71 -3.07 -25.95
CA LEU B 173 9.40 -2.59 -24.60
C LEU B 173 8.94 -3.70 -23.66
N CYS B 174 8.04 -4.55 -24.15
CA CYS B 174 7.52 -5.66 -23.34
C CYS B 174 8.64 -6.60 -22.93
N ARG B 175 9.46 -6.97 -23.90
CA ARG B 175 10.58 -7.87 -23.66
C ARG B 175 11.59 -7.28 -22.69
N SER B 176 11.87 -5.99 -22.85
CA SER B 176 12.83 -5.31 -22.00
C SER B 176 12.37 -5.20 -20.55
N ILE B 177 11.09 -4.91 -20.34
CA ILE B 177 10.55 -4.81 -18.99
C ILE B 177 10.54 -6.17 -18.32
N LEU B 178 10.07 -7.20 -19.03
CA LEU B 178 10.04 -8.53 -18.44
C LEU B 178 11.45 -9.01 -18.07
N ASP B 179 12.43 -8.61 -18.87
CA ASP B 179 13.81 -9.02 -18.64
C ASP B 179 14.34 -8.61 -17.26
N LEU B 180 13.83 -7.50 -16.74
CA LEU B 180 14.25 -7.01 -15.42
C LEU B 180 13.85 -7.96 -14.31
N TYR B 181 12.78 -8.73 -14.55
CA TYR B 181 12.26 -9.64 -13.55
C TYR B 181 12.56 -11.12 -13.77
N ILE B 182 12.60 -11.55 -15.03
CA ILE B 182 12.84 -12.96 -15.30
C ILE B 182 13.96 -13.20 -16.30
N GLY B 183 14.76 -12.17 -16.53
CA GLY B 183 15.86 -12.27 -17.47
C GLY B 183 17.17 -12.69 -16.85
N GLU B 184 18.24 -12.55 -17.62
CA GLU B 184 19.59 -12.94 -17.21
C GLU B 184 20.08 -12.28 -15.92
N GLU B 185 19.83 -10.98 -15.78
CA GLU B 185 20.25 -10.24 -14.58
C GLU B 185 18.99 -9.66 -13.94
N PRO B 186 18.21 -10.51 -13.25
CA PRO B 186 16.97 -10.10 -12.59
C PRO B 186 17.14 -9.35 -11.27
N PHE B 187 16.05 -8.76 -10.81
CA PHE B 187 16.03 -8.03 -9.55
C PHE B 187 16.12 -9.01 -8.38
N ASP B 188 15.58 -10.20 -8.58
CA ASP B 188 15.57 -11.21 -7.53
C ASP B 188 15.76 -12.59 -8.18
N LYS B 189 17.00 -13.09 -8.15
CA LYS B 189 17.30 -14.39 -8.76
C LYS B 189 16.40 -15.51 -8.27
N ASN B 190 16.08 -15.50 -6.99
CA ASN B 190 15.22 -16.53 -6.42
C ASN B 190 13.86 -16.53 -7.10
N ALA B 191 13.28 -15.34 -7.27
CA ALA B 191 11.97 -15.22 -7.92
C ALA B 191 12.03 -15.72 -9.36
N ARG B 192 13.13 -15.45 -10.04
CA ARG B 192 13.28 -15.89 -11.42
C ARG B 192 13.34 -17.41 -11.50
N GLU B 193 14.10 -18.03 -10.59
CA GLU B 193 14.24 -19.48 -10.58
C GLU B 193 12.91 -20.17 -10.33
N ASP B 194 12.13 -19.65 -9.38
CA ASP B 194 10.82 -20.22 -9.09
C ASP B 194 9.93 -20.07 -10.32
N PHE B 195 10.01 -18.91 -10.96
CA PHE B 195 9.20 -18.66 -12.14
C PHE B 195 9.53 -19.64 -13.26
N LEU B 196 10.82 -19.80 -13.56
CA LEU B 196 11.24 -20.70 -14.63
C LEU B 196 10.94 -22.16 -14.30
N ASP B 197 11.18 -22.55 -13.05
CA ASP B 197 10.89 -23.92 -12.64
C ASP B 197 9.39 -24.20 -12.75
N ASN B 198 8.57 -23.26 -12.27
CA ASN B 198 7.13 -23.46 -12.33
C ASN B 198 6.56 -23.39 -13.75
N ALA B 199 7.17 -22.57 -14.60
CA ALA B 199 6.71 -22.45 -15.98
C ALA B 199 6.95 -23.79 -16.68
N ALA B 200 8.15 -24.32 -16.48
CA ALA B 200 8.53 -25.60 -17.09
C ALA B 200 7.71 -26.78 -16.58
N SER B 201 7.05 -26.60 -15.43
CA SER B 201 6.25 -27.68 -14.85
C SER B 201 4.81 -27.68 -15.34
N LEU B 202 4.30 -26.51 -15.72
CA LEU B 202 2.93 -26.35 -16.18
C LEU B 202 2.45 -27.35 -17.22
N ALA B 203 3.29 -27.64 -18.20
CA ALA B 203 2.95 -28.57 -19.27
C ALA B 203 2.68 -29.98 -18.77
N PHE B 204 2.98 -30.25 -17.50
CA PHE B 204 2.78 -31.59 -16.95
C PHE B 204 1.67 -31.69 -15.92
N ASP B 205 0.86 -30.63 -15.82
CA ASP B 205 -0.25 -30.64 -14.86
C ASP B 205 -1.45 -31.37 -15.45
O1 DAO C . -0.76 2.88 20.61
O2 DAO C . -2.96 3.05 20.73
C1 DAO C . -1.82 3.52 20.43
C2 DAO C . -1.75 4.90 19.82
C3 DAO C . -2.13 5.94 20.86
C4 DAO C . -1.88 7.36 20.33
C5 DAO C . -2.53 8.40 21.24
C6 DAO C . -1.66 8.70 22.46
C7 DAO C . -2.50 9.19 23.63
C8 DAO C . -1.73 9.04 24.93
C9 DAO C . -2.59 9.37 26.13
C10 DAO C . -1.78 9.29 27.41
C11 DAO C . -2.33 10.25 28.47
C12 DAO C . -1.66 10.01 29.81
O1 DAO D . -0.58 -6.33 30.60
O2 DAO D . -1.39 -4.60 31.69
C1 DAO D . -1.13 -5.21 30.63
C2 DAO D . -1.51 -4.56 29.32
C3 DAO D . -0.45 -3.55 28.90
C4 DAO D . -1.07 -2.27 28.41
C5 DAO D . -0.87 -2.10 26.90
C6 DAO D . -0.41 -0.69 26.56
C7 DAO D . -1.34 -0.03 25.55
C8 DAO D . -1.38 1.49 25.77
C9 DAO D . -1.83 2.21 24.51
C10 DAO D . -2.98 3.17 24.83
C11 DAO D . -2.57 4.63 24.64
C12 DAO D . -3.63 5.56 25.17
K K E . -3.49 -13.09 22.50
O1 DAO F . 13.31 -0.13 -11.98
O2 DAO F . 12.02 -1.24 -10.60
C1 DAO F . 12.34 -0.89 -11.75
C2 DAO F . 11.52 -1.41 -12.92
C3 DAO F . 10.06 -1.00 -12.74
C4 DAO F . 9.43 -0.59 -14.08
C5 DAO F . 7.97 -0.17 -13.88
C6 DAO F . 7.84 1.35 -13.76
C7 DAO F . 6.58 1.70 -12.99
C8 DAO F . 6.55 3.17 -12.60
C9 DAO F . 5.38 3.47 -11.71
C10 DAO F . 5.48 4.86 -11.13
C11 DAO F . 4.09 5.39 -10.83
C12 DAO F . 3.90 6.73 -11.49
O1 DAO G . 12.84 8.12 -3.56
O2 DAO G . 14.58 6.94 -2.91
C1 DAO G . 13.63 7.15 -3.70
C2 DAO G . 13.40 6.20 -4.87
C3 DAO G . 14.61 5.30 -5.16
C4 DAO G . 14.18 3.84 -5.39
C5 DAO G . 14.29 3.42 -6.85
C6 DAO G . 12.91 3.35 -7.51
C7 DAO G . 12.75 2.08 -8.35
C8 DAO G . 11.51 2.15 -9.25
C9 DAO G . 10.27 1.73 -8.48
C10 DAO G . 9.02 1.93 -9.31
C11 DAO G . 7.83 2.21 -8.42
C12 DAO G . 6.75 1.19 -8.63
K K H . 24.24 -0.89 -0.41
#